data_1HEK
#
_entry.id   1HEK
#
_cell.length_a   47.150
_cell.length_b   47.150
_cell.length_c   204.770
_cell.angle_alpha   90.00
_cell.angle_beta   90.00
_cell.angle_gamma   120.00
#
_symmetry.space_group_name_H-M   'P 65'
#
_entity_poly.entity_id   1
_entity_poly.type   'polypeptide(L)'
_entity_poly.pdbx_seq_one_letter_code
;A(MSE)ADIGS(MSE)GDPLTWSKALKKLEKVTVQGSQKLTTGNCNWALSLVDLFHDTNFVKEKDWQLRDVIPLLEDVTQ
TLSGQEREAFERTWWAISAVK(MSE)GLQINNVVDGKASFQLLRAKYEKKTANKKQSEPSEEY
;
_entity_poly.pdbx_strand_id   A,B
#
# COMPACT_ATOMS: atom_id res chain seq x y z
N ALA A 1 2.83 27.24 15.88
CA ALA A 1 3.41 28.51 15.34
C ALA A 1 2.38 29.44 14.66
N MSE A 2 2.19 29.28 13.36
CA MSE A 2 1.28 30.14 12.63
C MSE A 2 0.15 29.40 11.93
O MSE A 2 -0.06 28.21 12.18
CB MSE A 2 2.08 30.95 11.62
CG MSE A 2 3.24 31.71 12.25
SE MSE A 2 4.68 31.93 11.16
CE MSE A 2 4.00 33.06 9.88
N ALA A 3 -0.57 30.09 11.06
CA ALA A 3 -1.69 29.51 10.30
C ALA A 3 -1.92 30.21 8.98
N ASP A 4 -2.03 29.43 7.90
CA ASP A 4 -2.21 29.97 6.56
C ASP A 4 -3.64 30.42 6.24
N ILE A 5 -4.32 30.97 7.23
CA ILE A 5 -5.69 31.50 7.08
C ILE A 5 -6.50 31.03 5.87
N GLY A 6 -6.14 31.56 4.69
CA GLY A 6 -6.85 31.19 3.47
C GLY A 6 -5.94 30.68 2.37
N SER A 7 -6.16 29.42 2.00
CA SER A 7 -5.39 28.76 0.95
C SER A 7 -6.40 27.91 0.19
N MSE A 8 -7.61 27.85 0.77
CA MSE A 8 -8.79 27.13 0.27
C MSE A 8 -8.67 25.83 -0.56
O MSE A 8 -9.67 25.38 -1.14
CB MSE A 8 -9.72 28.10 -0.47
CG MSE A 8 -9.30 28.40 -1.92
SE MSE A 8 -8.96 30.16 -2.32
CE MSE A 8 -7.08 30.18 -2.42
N GLY A 9 -7.49 25.24 -0.64
CA GLY A 9 -7.38 24.01 -1.39
C GLY A 9 -6.30 23.90 -2.43
N ASP A 10 -6.53 22.94 -3.34
CA ASP A 10 -5.63 22.62 -4.43
C ASP A 10 -6.39 22.72 -5.75
N PRO A 11 -5.69 22.59 -6.90
CA PRO A 11 -6.37 22.68 -8.18
C PRO A 11 -7.66 21.87 -8.14
N LEU A 12 -7.57 20.53 -8.15
CA LEU A 12 -8.80 19.74 -8.08
C LEU A 12 -8.84 18.45 -7.27
N THR A 13 -10.07 18.11 -6.88
CA THR A 13 -10.41 16.95 -6.11
C THR A 13 -9.68 15.73 -6.62
N TRP A 14 -9.30 14.86 -5.69
CA TRP A 14 -8.55 13.67 -6.01
C TRP A 14 -9.13 12.95 -7.20
N SER A 15 -10.45 12.97 -7.28
CA SER A 15 -11.11 12.33 -8.40
C SER A 15 -10.56 12.91 -9.71
N LYS A 16 -10.87 14.19 -9.94
CA LYS A 16 -10.44 14.91 -11.14
C LYS A 16 -8.99 14.60 -11.47
N ALA A 17 -8.13 14.84 -10.50
CA ALA A 17 -6.71 14.59 -10.66
C ALA A 17 -6.56 13.18 -11.11
N LEU A 18 -7.30 12.29 -10.47
CA LEU A 18 -7.21 10.90 -10.82
C LEU A 18 -7.36 10.82 -12.32
N LYS A 19 -8.56 11.07 -12.81
CA LYS A 19 -8.85 11.03 -14.24
C LYS A 19 -7.65 11.47 -15.04
N LYS A 20 -7.38 12.76 -15.04
CA LYS A 20 -6.24 13.28 -15.78
C LYS A 20 -4.96 12.52 -15.46
N LEU A 21 -4.85 12.07 -14.21
CA LEU A 21 -3.67 11.36 -13.74
C LEU A 21 -3.19 10.26 -14.69
N GLU A 22 -4.02 9.23 -14.87
CA GLU A 22 -3.71 8.07 -15.72
C GLU A 22 -3.20 8.44 -17.10
N LYS A 23 -3.73 9.53 -17.67
CA LYS A 23 -3.29 9.98 -18.99
C LYS A 23 -1.78 10.12 -19.00
N VAL A 24 -1.25 10.87 -18.05
CA VAL A 24 0.18 11.05 -17.94
C VAL A 24 0.87 9.72 -18.13
N THR A 25 1.72 9.65 -19.13
CA THR A 25 2.45 8.42 -19.43
C THR A 25 3.18 7.95 -18.18
N VAL A 26 4.00 6.90 -18.30
CA VAL A 26 4.72 6.39 -17.15
C VAL A 26 6.03 5.76 -17.54
N GLN A 27 6.64 5.07 -16.56
CA GLN A 27 7.93 4.37 -16.66
C GLN A 27 8.27 3.77 -18.05
N GLY A 28 8.38 2.43 -18.12
CA GLY A 28 8.71 1.74 -19.36
C GLY A 28 8.07 2.41 -20.57
N SER A 29 6.78 2.15 -20.78
CA SER A 29 6.02 2.74 -21.87
C SER A 29 4.56 2.34 -21.73
N GLN A 30 4.09 2.44 -20.50
CA GLN A 30 2.71 2.14 -20.18
C GLN A 30 2.24 3.27 -19.28
N LYS A 31 1.10 3.86 -19.60
CA LYS A 31 0.56 4.97 -18.82
C LYS A 31 0.23 4.60 -17.37
N LEU A 32 -0.43 5.50 -16.64
CA LEU A 32 -0.76 5.25 -15.23
C LEU A 32 -2.18 4.73 -15.09
N THR A 33 -2.38 3.84 -14.12
CA THR A 33 -3.69 3.24 -13.89
C THR A 33 -4.37 3.88 -12.70
N THR A 34 -5.67 4.14 -12.82
CA THR A 34 -6.36 4.73 -11.70
C THR A 34 -5.86 4.03 -10.43
N GLY A 35 -6.08 2.71 -10.35
CA GLY A 35 -5.64 1.95 -9.20
C GLY A 35 -4.18 2.17 -8.79
N ASN A 36 -3.29 2.33 -9.78
CA ASN A 36 -1.86 2.57 -9.52
C ASN A 36 -1.79 3.61 -8.42
N CYS A 37 -2.66 4.58 -8.57
CA CYS A 37 -2.77 5.67 -7.63
C CYS A 37 -3.27 5.16 -6.28
N ASN A 38 -4.54 4.80 -6.21
CA ASN A 38 -5.12 4.33 -4.96
C ASN A 38 -4.10 3.45 -4.27
N TRP A 39 -3.23 2.85 -5.05
CA TRP A 39 -2.22 1.99 -4.47
C TRP A 39 -1.24 2.78 -3.61
N ALA A 40 -0.56 3.72 -4.23
CA ALA A 40 0.39 4.53 -3.49
C ALA A 40 -0.30 5.35 -2.41
N LEU A 41 -1.58 5.63 -2.58
CA LEU A 41 -2.26 6.39 -1.56
C LEU A 41 -2.40 5.44 -0.40
N SER A 42 -3.01 4.29 -0.67
CA SER A 42 -3.21 3.28 0.34
C SER A 42 -1.88 2.92 0.97
N LEU A 43 -0.89 2.70 0.12
CA LEU A 43 0.41 2.36 0.61
C LEU A 43 0.81 3.18 1.86
N VAL A 44 0.42 4.46 1.89
CA VAL A 44 0.76 5.35 3.02
C VAL A 44 -0.38 5.40 4.04
N ASP A 45 -1.58 5.66 3.53
CA ASP A 45 -2.79 5.75 4.32
C ASP A 45 -2.77 4.65 5.34
N LEU A 46 -2.09 3.56 4.99
CA LEU A 46 -1.98 2.39 5.86
C LEU A 46 -0.74 2.48 6.73
N PHE A 47 0.37 2.86 6.11
CA PHE A 47 1.62 2.99 6.85
C PHE A 47 1.54 3.97 8.01
N HIS A 48 0.67 4.97 7.87
CA HIS A 48 0.51 5.99 8.88
C HIS A 48 -0.84 5.84 9.56
N ASP A 49 -1.49 4.71 9.37
CA ASP A 49 -2.79 4.51 9.99
C ASP A 49 -3.79 5.62 9.70
N THR A 50 -3.60 6.39 8.65
CA THR A 50 -4.54 7.47 8.30
C THR A 50 -5.72 6.99 7.48
N ASN A 51 -6.40 7.87 6.78
CA ASN A 51 -7.53 7.38 6.00
C ASN A 51 -7.95 8.21 4.77
N PHE A 52 -6.99 8.80 4.07
CA PHE A 52 -7.29 9.61 2.89
C PHE A 52 -7.94 8.72 1.85
N VAL A 53 -7.32 7.56 1.69
CA VAL A 53 -7.78 6.55 0.78
C VAL A 53 -9.27 6.48 0.96
N LYS A 54 -9.70 6.86 2.15
CA LYS A 54 -11.10 6.87 2.47
C LYS A 54 -11.67 8.25 2.14
N GLU A 55 -11.00 9.30 2.60
CA GLU A 55 -11.50 10.66 2.38
C GLU A 55 -11.81 11.02 0.93
N LYS A 56 -13.00 11.63 0.72
CA LYS A 56 -13.44 12.01 -0.63
C LYS A 56 -12.46 12.86 -1.40
N ASP A 57 -11.77 13.73 -0.67
CA ASP A 57 -10.75 14.58 -1.26
C ASP A 57 -9.84 14.93 -0.11
N TRP A 58 -8.82 15.72 -0.40
CA TRP A 58 -7.89 16.12 0.62
C TRP A 58 -6.76 16.90 -0.02
N GLN A 59 -6.11 17.75 0.77
CA GLN A 59 -5.02 18.56 0.27
C GLN A 59 -3.67 17.91 0.50
N LEU A 60 -2.79 18.04 -0.47
CA LEU A 60 -1.48 17.43 -0.39
C LEU A 60 -0.71 17.83 0.82
N ARG A 61 -0.72 19.13 1.15
CA ARG A 61 0.00 19.60 2.34
C ARG A 61 -0.32 18.64 3.46
N ASP A 62 -1.58 18.19 3.49
CA ASP A 62 -1.97 17.25 4.51
C ASP A 62 -1.17 15.98 4.39
N VAL A 63 -0.85 15.55 3.17
CA VAL A 63 -0.11 14.31 3.00
C VAL A 63 1.34 14.37 2.55
N ILE A 64 1.67 15.33 1.72
CA ILE A 64 3.01 15.44 1.19
C ILE A 64 4.11 15.27 2.23
N PRO A 65 3.87 15.68 3.48
CA PRO A 65 4.97 15.50 4.44
C PRO A 65 5.09 14.08 4.96
N LEU A 66 4.11 13.24 4.62
CA LEU A 66 4.08 11.84 5.04
C LEU A 66 4.91 11.00 4.10
N LEU A 67 4.77 11.30 2.82
CA LEU A 67 5.48 10.62 1.77
C LEU A 67 6.88 10.26 2.22
N GLU A 68 7.72 11.27 2.37
CA GLU A 68 9.09 11.06 2.80
C GLU A 68 9.36 9.80 3.60
N ASP A 69 8.56 9.55 4.63
CA ASP A 69 8.79 8.36 5.43
C ASP A 69 8.48 7.08 4.70
N VAL A 70 7.55 7.16 3.76
CA VAL A 70 7.19 6.01 2.94
C VAL A 70 8.27 5.81 1.88
N THR A 71 8.40 6.76 0.96
CA THR A 71 9.42 6.66 -0.08
C THR A 71 10.69 6.19 0.57
N GLN A 72 10.84 6.46 1.85
CA GLN A 72 12.05 6.07 2.54
C GLN A 72 12.12 4.63 3.02
N THR A 73 10.97 3.98 3.09
CA THR A 73 10.86 2.61 3.58
C THR A 73 10.95 1.55 2.47
N LEU A 74 10.16 1.74 1.41
CA LEU A 74 10.14 0.81 0.27
C LEU A 74 11.46 0.95 -0.51
N SER A 75 12.25 -0.13 -0.55
CA SER A 75 13.55 -0.16 -1.24
C SER A 75 13.54 -0.40 -2.75
N GLY A 76 13.10 -1.60 -3.13
CA GLY A 76 13.04 -1.95 -4.53
C GLY A 76 12.35 -0.86 -5.31
N GLN A 77 12.40 -0.99 -6.63
CA GLN A 77 11.79 -0.05 -7.56
C GLN A 77 10.55 0.41 -6.87
N GLU A 78 10.00 -0.48 -6.03
CA GLU A 78 8.80 -0.20 -5.26
C GLU A 78 8.91 1.25 -4.84
N ARG A 79 10.14 1.67 -4.53
CA ARG A 79 10.41 3.04 -4.15
C ARG A 79 10.07 3.99 -5.30
N GLU A 80 10.92 4.02 -6.33
CA GLU A 80 10.68 4.91 -7.46
C GLU A 80 9.25 4.75 -7.87
N ALA A 81 8.82 3.50 -7.89
CA ALA A 81 7.46 3.22 -8.22
C ALA A 81 6.66 4.25 -7.43
N PHE A 82 6.67 4.13 -6.10
CA PHE A 82 5.93 5.06 -5.25
C PHE A 82 6.16 6.54 -5.58
N GLU A 83 7.37 7.01 -5.33
CA GLU A 83 7.66 8.42 -5.53
C GLU A 83 7.21 8.93 -6.86
N ARG A 84 7.77 8.34 -7.90
CA ARG A 84 7.41 8.73 -9.24
C ARG A 84 5.88 8.91 -9.31
N THR A 85 5.13 8.01 -8.70
CA THR A 85 3.67 8.17 -8.76
C THR A 85 3.37 9.49 -8.15
N TRP A 86 3.92 9.73 -6.97
CA TRP A 86 3.61 10.99 -6.36
C TRP A 86 4.08 12.14 -7.21
N TRP A 87 5.39 12.32 -7.38
CA TRP A 87 5.86 13.44 -8.19
C TRP A 87 4.70 13.83 -9.05
N ALA A 88 4.13 12.82 -9.69
CA ALA A 88 3.02 13.03 -10.58
C ALA A 88 1.77 13.46 -9.81
N ILE A 89 1.01 12.51 -9.26
CA ILE A 89 -0.22 12.83 -8.50
C ILE A 89 -0.17 14.18 -7.76
N SER A 90 0.98 14.48 -7.18
CA SER A 90 1.14 15.76 -6.49
C SER A 90 1.08 16.81 -7.61
N ALA A 91 2.09 16.75 -8.50
CA ALA A 91 2.21 17.65 -9.65
C ALA A 91 0.82 17.78 -10.27
N VAL A 92 0.38 16.67 -10.82
CA VAL A 92 -0.92 16.53 -11.45
C VAL A 92 -2.02 17.21 -10.61
N LYS A 93 -2.20 16.70 -9.39
CA LYS A 93 -3.21 17.25 -8.51
C LYS A 93 -3.09 18.76 -8.45
N MSE A 94 -1.84 19.22 -8.51
CA MSE A 94 -1.55 20.64 -8.41
C MSE A 94 -1.66 21.40 -9.73
O MSE A 94 -0.87 22.30 -10.02
CB MSE A 94 -0.16 20.85 -7.77
CG MSE A 94 -0.10 21.90 -6.61
SE MSE A 94 -1.19 21.66 -5.14
CE MSE A 94 -2.30 23.03 -5.23
N GLY A 95 -2.65 21.02 -10.53
CA GLY A 95 -2.88 21.69 -11.79
C GLY A 95 -1.69 21.73 -12.72
N LEU A 96 -0.66 20.93 -12.43
CA LEU A 96 0.51 20.90 -13.30
C LEU A 96 0.34 19.80 -14.37
N GLN A 97 -0.35 20.12 -15.46
CA GLN A 97 -0.53 19.15 -16.53
C GLN A 97 0.82 18.78 -17.10
N ILE A 98 1.27 17.58 -16.77
CA ILE A 98 2.56 17.11 -17.26
C ILE A 98 2.27 16.02 -18.28
N ASN A 99 3.29 15.64 -19.04
CA ASN A 99 3.16 14.62 -20.08
C ASN A 99 3.96 13.40 -19.71
N ASN A 100 4.19 13.24 -18.41
CA ASN A 100 4.93 12.11 -17.87
C ASN A 100 5.19 12.27 -16.37
N VAL A 101 5.40 11.14 -15.70
CA VAL A 101 5.71 11.16 -14.28
C VAL A 101 7.02 11.95 -14.13
N VAL A 102 8.15 11.25 -14.04
CA VAL A 102 9.47 11.88 -13.89
C VAL A 102 9.43 13.38 -14.18
N ASP A 103 8.97 13.73 -15.37
CA ASP A 103 8.83 15.14 -15.75
C ASP A 103 7.82 15.69 -14.75
N GLY A 104 8.31 16.34 -13.71
CA GLY A 104 7.40 16.87 -12.72
C GLY A 104 7.90 16.51 -11.33
N LYS A 105 9.17 16.13 -11.30
CA LYS A 105 9.85 15.80 -10.06
C LYS A 105 10.04 17.18 -9.46
N ALA A 106 10.26 18.13 -10.36
CA ALA A 106 10.44 19.52 -9.98
C ALA A 106 9.23 19.82 -9.12
N SER A 107 8.11 20.04 -9.80
CA SER A 107 6.86 20.34 -9.15
C SER A 107 6.82 19.78 -7.72
N PHE A 108 7.28 18.53 -7.57
CA PHE A 108 7.30 17.88 -6.26
C PHE A 108 8.15 18.73 -5.38
N GLN A 109 9.45 18.69 -5.59
CA GLN A 109 10.37 19.49 -4.82
C GLN A 109 9.75 20.77 -4.27
N LEU A 110 9.15 21.54 -5.16
CA LEU A 110 8.50 22.79 -4.78
C LEU A 110 7.32 22.55 -3.83
N LEU A 111 6.55 21.49 -4.10
CA LEU A 111 5.39 21.13 -3.28
C LEU A 111 5.82 20.61 -1.91
N ARG A 112 7.01 20.03 -1.84
CA ARG A 112 7.52 19.49 -0.58
C ARG A 112 7.97 20.64 0.26
N ALA A 113 9.07 21.28 -0.14
CA ALA A 113 9.57 22.43 0.61
C ALA A 113 8.42 23.29 1.12
N LYS A 114 7.49 23.62 0.22
CA LYS A 114 6.35 24.45 0.57
C LYS A 114 5.54 23.84 1.69
N TYR A 115 4.89 22.71 1.45
CA TYR A 115 4.08 22.11 2.49
C TYR A 115 4.78 21.23 3.49
N GLU A 116 6.11 21.10 3.39
CA GLU A 116 6.85 20.24 4.31
C GLU A 116 7.43 20.97 5.51
N ALA B 1 -12.36 13.81 16.51
CA ALA B 1 -13.74 14.29 16.24
C ALA B 1 -14.44 14.55 17.57
N MSE B 2 -15.17 13.56 18.06
CA MSE B 2 -15.85 13.69 19.35
C MSE B 2 -14.81 13.24 20.37
O MSE B 2 -13.66 13.70 20.33
CB MSE B 2 -17.11 12.79 19.42
CG MSE B 2 -18.22 13.20 18.42
SE MSE B 2 -19.90 12.51 18.73
CE MSE B 2 -20.95 14.02 18.63
N ALA B 3 -15.16 12.34 21.29
CA ALA B 3 -14.20 11.87 22.27
C ALA B 3 -12.91 11.42 21.56
N ASP B 4 -13.07 10.94 20.32
CA ASP B 4 -11.97 10.44 19.47
C ASP B 4 -12.57 9.55 18.35
N ILE B 5 -12.33 9.89 17.08
CA ILE B 5 -12.84 9.10 15.95
C ILE B 5 -11.74 8.46 15.10
N GLY B 6 -11.78 7.13 14.99
CA GLY B 6 -10.79 6.43 14.19
C GLY B 6 -10.35 5.08 14.72
N SER B 7 -11.07 4.02 14.32
CA SER B 7 -10.75 2.65 14.72
C SER B 7 -9.78 2.02 13.72
N MSE B 8 -8.80 1.29 14.24
CA MSE B 8 -7.78 0.65 13.42
C MSE B 8 -7.44 -0.81 13.81
O MSE B 8 -6.43 -1.06 14.45
CB MSE B 8 -6.50 1.52 13.43
CG MSE B 8 -6.05 2.00 14.85
SE MSE B 8 -4.89 3.46 14.98
CE MSE B 8 -6.02 4.76 15.67
N GLY B 9 -8.30 -1.73 13.40
CA GLY B 9 -8.08 -3.15 13.68
C GLY B 9 -7.65 -3.88 12.40
N ASP B 10 -8.60 -4.56 11.76
CA ASP B 10 -8.31 -5.28 10.51
C ASP B 10 -9.60 -5.31 9.69
N PRO B 11 -9.54 -4.80 8.45
CA PRO B 11 -10.60 -4.70 7.46
C PRO B 11 -11.38 -6.00 7.21
N LEU B 12 -10.82 -6.84 6.33
CA LEU B 12 -11.41 -8.12 5.93
C LEU B 12 -11.06 -9.31 6.83
N THR B 13 -12.08 -10.03 7.28
CA THR B 13 -11.86 -11.20 8.10
C THR B 13 -11.07 -12.17 7.26
N TRP B 14 -10.33 -13.03 7.92
CA TRP B 14 -9.55 -13.97 7.15
C TRP B 14 -10.49 -14.74 6.26
N SER B 15 -11.69 -14.98 6.75
CA SER B 15 -12.69 -15.71 6.00
C SER B 15 -12.96 -15.00 4.69
N LYS B 16 -13.28 -13.72 4.76
CA LYS B 16 -13.58 -12.90 3.60
C LYS B 16 -12.37 -12.75 2.69
N ALA B 17 -11.18 -12.84 3.30
CA ALA B 17 -9.94 -12.68 2.57
C ALA B 17 -9.60 -13.84 1.63
N LEU B 18 -9.64 -15.05 2.15
CA LEU B 18 -9.32 -16.19 1.33
C LEU B 18 -10.31 -16.19 0.18
N LYS B 19 -11.58 -16.01 0.50
CA LYS B 19 -12.58 -16.02 -0.55
C LYS B 19 -12.12 -15.07 -1.66
N LYS B 20 -11.25 -14.11 -1.33
CA LYS B 20 -10.74 -13.19 -2.35
C LYS B 20 -9.30 -13.51 -2.71
N LEU B 21 -8.65 -14.30 -1.86
CA LEU B 21 -7.28 -14.67 -2.14
C LEU B 21 -7.21 -15.54 -3.39
N GLU B 22 -8.26 -16.31 -3.65
CA GLU B 22 -8.27 -17.12 -4.86
C GLU B 22 -7.81 -16.23 -6.00
N LYS B 23 -8.78 -15.52 -6.56
CA LYS B 23 -8.66 -14.58 -7.68
C LYS B 23 -7.27 -14.00 -7.96
N VAL B 24 -6.40 -14.04 -6.96
CA VAL B 24 -5.04 -13.54 -7.07
C VAL B 24 -4.09 -14.44 -7.85
N THR B 25 -3.78 -14.08 -9.09
CA THR B 25 -2.87 -14.92 -9.85
C THR B 25 -1.55 -14.96 -9.13
N VAL B 26 -0.83 -16.06 -9.29
CA VAL B 26 0.44 -16.25 -8.61
C VAL B 26 1.60 -16.28 -9.56
N GLN B 27 1.71 -17.45 -10.15
CA GLN B 27 2.74 -17.82 -11.08
C GLN B 27 2.48 -17.41 -12.51
N GLY B 28 1.72 -18.23 -13.23
CA GLY B 28 1.45 -17.91 -14.61
C GLY B 28 -0.04 -17.93 -14.79
N SER B 29 -0.60 -19.13 -14.76
CA SER B 29 -2.01 -19.31 -14.88
C SER B 29 -2.50 -19.85 -13.53
N GLN B 30 -1.56 -19.98 -12.59
CA GLN B 30 -1.90 -20.48 -11.29
C GLN B 30 -2.43 -19.35 -10.44
N LYS B 31 -3.45 -19.66 -9.65
CA LYS B 31 -4.08 -18.68 -8.76
C LYS B 31 -3.90 -19.20 -7.33
N LEU B 32 -3.58 -18.31 -6.41
CA LEU B 32 -3.40 -18.72 -5.02
C LEU B 32 -4.56 -19.58 -4.52
N THR B 33 -4.30 -20.62 -3.75
CA THR B 33 -5.40 -21.46 -3.30
C THR B 33 -5.69 -21.47 -1.81
N THR B 34 -6.96 -21.64 -1.45
CA THR B 34 -7.31 -21.70 -0.03
C THR B 34 -6.27 -22.51 0.70
N GLY B 35 -5.95 -23.69 0.16
CA GLY B 35 -4.93 -24.53 0.76
C GLY B 35 -3.65 -23.73 1.03
N ASN B 36 -3.00 -23.23 -0.02
CA ASN B 36 -1.76 -22.46 0.10
C ASN B 36 -1.69 -21.58 1.35
N CYS B 37 -2.74 -20.82 1.57
CA CYS B 37 -2.77 -19.96 2.72
C CYS B 37 -2.81 -20.76 4.01
N ASN B 38 -3.71 -21.73 4.11
CA ASN B 38 -3.75 -22.49 5.36
C ASN B 38 -2.42 -23.12 5.58
N TRP B 39 -1.63 -23.22 4.50
CA TRP B 39 -0.28 -23.78 4.55
C TRP B 39 0.61 -22.75 5.15
N ALA B 40 0.62 -21.60 4.50
CA ALA B 40 1.45 -20.48 4.90
C ALA B 40 1.20 -20.15 6.36
N LEU B 41 -0.06 -19.93 6.67
CA LEU B 41 -0.42 -19.59 8.03
C LEU B 41 -0.19 -20.78 8.94
N SER B 42 0.38 -21.84 8.38
CA SER B 42 0.64 -23.04 9.16
C SER B 42 2.06 -23.05 9.71
N LEU B 43 3.05 -22.81 8.86
CA LEU B 43 4.42 -22.80 9.34
C LEU B 43 4.56 -21.83 10.50
N VAL B 44 3.82 -20.73 10.41
CA VAL B 44 3.88 -19.71 11.45
C VAL B 44 3.36 -20.24 12.79
N ASP B 45 2.21 -20.88 12.74
CA ASP B 45 1.57 -21.42 13.91
C ASP B 45 2.47 -22.50 14.49
N LEU B 46 3.10 -23.27 13.61
CA LEU B 46 3.98 -24.35 14.00
C LEU B 46 5.18 -23.81 14.73
N PHE B 47 6.06 -23.19 13.96
CA PHE B 47 7.28 -22.62 14.51
C PHE B 47 7.03 -21.78 15.75
N HIS B 48 6.57 -20.57 15.53
CA HIS B 48 6.29 -19.65 16.60
C HIS B 48 5.38 -20.27 17.65
N ASP B 49 4.82 -21.42 17.34
CA ASP B 49 3.90 -22.07 18.25
C ASP B 49 2.85 -21.06 18.63
N THR B 50 1.70 -21.18 18.01
CA THR B 50 0.60 -20.26 18.21
C THR B 50 -0.66 -21.02 17.85
N ASN B 51 -1.68 -20.31 17.39
CA ASN B 51 -2.92 -20.97 17.01
C ASN B 51 -3.65 -20.42 15.80
N PHE B 52 -3.58 -19.12 15.59
CA PHE B 52 -4.23 -18.49 14.44
C PHE B 52 -5.16 -19.43 13.70
N VAL B 53 -4.55 -20.26 12.86
CA VAL B 53 -5.23 -21.22 12.01
C VAL B 53 -6.38 -21.91 12.73
N LYS B 54 -6.36 -21.88 14.06
CA LYS B 54 -7.42 -22.49 14.87
C LYS B 54 -8.57 -21.51 15.14
N GLU B 55 -8.31 -20.21 14.90
CA GLU B 55 -9.32 -19.16 15.07
C GLU B 55 -9.89 -18.83 13.68
N LYS B 56 -11.08 -18.25 13.63
CA LYS B 56 -11.69 -17.93 12.35
C LYS B 56 -11.20 -16.59 11.82
N ASP B 57 -10.52 -15.86 12.68
CA ASP B 57 -9.93 -14.59 12.28
C ASP B 57 -8.96 -14.11 13.35
N TRP B 58 -8.03 -13.27 12.90
CA TRP B 58 -6.99 -12.71 13.72
C TRP B 58 -6.78 -11.35 13.09
N GLN B 59 -5.75 -10.65 13.52
CA GLN B 59 -5.45 -9.35 12.94
C GLN B 59 -4.03 -9.41 12.43
N LEU B 60 -3.87 -8.99 11.18
CA LEU B 60 -2.55 -8.99 10.57
C LEU B 60 -1.53 -8.46 11.57
N ARG B 61 -1.81 -7.26 12.08
CA ARG B 61 -0.91 -6.63 13.05
C ARG B 61 -0.40 -7.60 14.09
N ASP B 62 -1.13 -8.69 14.28
CA ASP B 62 -0.76 -9.70 15.25
C ASP B 62 0.17 -10.74 14.67
N VAL B 63 -0.14 -11.22 13.49
CA VAL B 63 0.70 -12.23 12.87
C VAL B 63 1.78 -11.64 11.98
N ILE B 64 1.51 -10.50 11.34
CA ILE B 64 2.51 -9.88 10.45
C ILE B 64 3.86 -9.79 11.14
N PRO B 65 3.85 -9.81 12.48
CA PRO B 65 5.13 -9.75 13.19
C PRO B 65 5.91 -11.05 12.90
N LEU B 66 5.40 -12.15 13.46
CA LEU B 66 5.99 -13.47 13.31
C LEU B 66 6.65 -13.71 11.97
N LEU B 67 5.85 -13.56 10.94
CA LEU B 67 6.26 -13.76 9.57
C LEU B 67 7.73 -13.66 9.22
N GLU B 68 8.44 -12.74 9.87
CA GLU B 68 9.86 -12.54 9.60
C GLU B 68 10.73 -13.75 9.93
N ASP B 69 10.69 -14.15 11.19
CA ASP B 69 11.49 -15.26 11.61
C ASP B 69 10.97 -16.61 11.20
N VAL B 70 9.96 -16.65 10.35
CA VAL B 70 9.44 -17.94 9.87
C VAL B 70 10.08 -18.14 8.49
N THR B 71 9.93 -17.15 7.61
CA THR B 71 10.53 -17.23 6.27
C THR B 71 12.01 -17.19 6.47
N GLN B 72 12.40 -16.65 7.61
CA GLN B 72 13.79 -16.54 7.94
C GLN B 72 14.36 -17.94 8.12
N THR B 73 13.50 -18.86 8.53
CA THR B 73 13.94 -20.22 8.73
C THR B 73 13.88 -21.00 7.40
N LEU B 74 12.73 -20.95 6.73
CA LEU B 74 12.58 -21.63 5.44
C LEU B 74 13.69 -21.19 4.50
N SER B 75 13.79 -21.88 3.37
CA SER B 75 14.79 -21.54 2.38
C SER B 75 14.34 -21.96 0.99
N GLY B 76 14.86 -21.27 -0.02
CA GLY B 76 14.51 -21.59 -1.40
C GLY B 76 13.04 -21.63 -1.76
N GLN B 77 12.66 -22.62 -2.56
CA GLN B 77 11.29 -22.77 -3.00
C GLN B 77 10.28 -22.46 -1.94
N GLU B 78 10.48 -22.96 -0.73
CA GLU B 78 9.52 -22.68 0.33
C GLU B 78 9.45 -21.16 0.57
N ARG B 79 10.54 -20.61 1.14
CA ARG B 79 10.64 -19.18 1.43
C ARG B 79 9.93 -18.50 0.25
N GLU B 80 10.52 -18.62 -0.93
CA GLU B 80 9.99 -18.06 -2.17
C GLU B 80 8.49 -17.87 -2.14
N ALA B 81 7.74 -18.95 -2.34
CA ALA B 81 6.30 -18.87 -2.33
C ALA B 81 5.75 -18.43 -0.99
N PHE B 82 6.45 -18.76 0.12
CA PHE B 82 6.00 -18.38 1.48
C PHE B 82 5.95 -16.89 1.74
N GLU B 83 6.96 -16.16 1.30
CA GLU B 83 6.93 -14.71 1.49
C GLU B 83 5.83 -14.21 0.59
N ARG B 84 6.01 -14.50 -0.70
CA ARG B 84 5.09 -14.13 -1.74
C ARG B 84 3.64 -14.38 -1.36
N THR B 85 3.42 -15.44 -0.59
CA THR B 85 2.05 -15.77 -0.15
C THR B 85 1.62 -14.63 0.74
N TRP B 86 2.41 -14.38 1.75
CA TRP B 86 2.10 -13.31 2.65
C TRP B 86 1.88 -12.00 1.92
N TRP B 87 2.84 -11.61 1.10
CA TRP B 87 2.70 -10.38 0.36
C TRP B 87 1.29 -10.18 -0.13
N ALA B 88 0.62 -11.27 -0.44
CA ALA B 88 -0.74 -11.24 -0.94
C ALA B 88 -1.74 -11.21 0.20
N ILE B 89 -1.74 -12.25 0.99
CA ILE B 89 -2.65 -12.32 2.11
C ILE B 89 -2.48 -11.10 3.05
N SER B 90 -1.26 -10.60 3.14
CA SER B 90 -0.99 -9.43 3.98
C SER B 90 -1.77 -8.31 3.31
N ALA B 91 -1.51 -8.09 2.03
CA ALA B 91 -2.21 -7.05 1.30
C ALA B 91 -3.70 -7.26 1.39
N VAL B 92 -4.22 -8.22 0.64
CA VAL B 92 -5.66 -8.53 0.59
C VAL B 92 -6.45 -8.39 1.87
N LYS B 93 -6.00 -9.05 2.93
CA LYS B 93 -6.70 -8.93 4.19
C LYS B 93 -6.72 -7.44 4.55
N MSE B 94 -5.63 -6.73 4.27
CA MSE B 94 -5.57 -5.29 4.59
C MSE B 94 -6.41 -4.46 3.63
O MSE B 94 -6.12 -3.28 3.41
CB MSE B 94 -4.13 -4.73 4.56
CG MSE B 94 -3.88 -3.61 5.55
SE MSE B 94 -3.89 -4.23 7.30
CE MSE B 94 -5.58 -4.34 7.60
N GLY B 95 -7.44 -5.09 3.07
CA GLY B 95 -8.31 -4.41 2.13
C GLY B 95 -7.60 -3.93 0.87
N LEU B 96 -6.27 -3.93 0.92
CA LEU B 96 -5.45 -3.54 -0.21
C LEU B 96 -5.78 -4.53 -1.30
N GLN B 97 -6.53 -4.12 -2.32
CA GLN B 97 -6.90 -5.05 -3.38
C GLN B 97 -5.71 -5.27 -4.29
N ILE B 98 -5.63 -6.46 -4.88
CA ILE B 98 -4.46 -6.81 -5.65
C ILE B 98 -4.73 -7.79 -6.78
N ASN B 99 -3.72 -8.00 -7.60
CA ASN B 99 -3.89 -8.86 -8.75
C ASN B 99 -3.01 -10.12 -8.82
N ASN B 100 -1.71 -9.93 -8.67
CA ASN B 100 -0.73 -11.03 -8.71
C ASN B 100 0.05 -11.00 -7.41
N VAL B 101 -0.06 -12.05 -6.62
CA VAL B 101 0.63 -12.15 -5.33
C VAL B 101 1.81 -11.22 -5.12
N VAL B 102 2.78 -11.19 -6.05
CA VAL B 102 3.97 -10.34 -5.91
C VAL B 102 3.57 -8.90 -5.60
N ASP B 103 2.60 -8.39 -6.36
CA ASP B 103 2.06 -7.06 -6.20
C ASP B 103 2.15 -6.43 -4.80
N GLY B 104 1.72 -7.16 -3.77
CA GLY B 104 1.75 -6.65 -2.40
C GLY B 104 3.07 -6.72 -1.64
N LYS B 105 4.17 -6.69 -2.37
CA LYS B 105 5.49 -6.73 -1.75
C LYS B 105 5.59 -5.47 -0.90
N ALA B 106 5.52 -4.32 -1.55
CA ALA B 106 5.61 -3.04 -0.88
C ALA B 106 4.79 -3.17 0.39
N SER B 107 3.48 -3.03 0.21
CA SER B 107 2.51 -3.10 1.29
C SER B 107 3.02 -3.94 2.44
N PHE B 108 3.64 -5.06 2.11
CA PHE B 108 4.17 -5.93 3.14
C PHE B 108 5.40 -5.29 3.80
N GLN B 109 6.59 -5.46 3.21
CA GLN B 109 7.82 -4.91 3.79
C GLN B 109 7.48 -3.66 4.61
N LEU B 110 6.57 -2.88 4.06
CA LEU B 110 6.05 -1.68 4.67
C LEU B 110 5.43 -2.13 5.98
N LEU B 111 4.20 -2.62 5.87
CA LEU B 111 3.40 -3.11 7.01
C LEU B 111 4.22 -3.81 8.09
N ARG B 112 5.33 -4.44 7.70
CA ARG B 112 6.18 -5.14 8.67
C ARG B 112 7.00 -4.11 9.43
N ALA B 113 7.84 -3.40 8.67
CA ALA B 113 8.69 -2.36 9.21
C ALA B 113 7.81 -1.44 10.08
N LYS B 114 6.51 -1.42 9.74
CA LYS B 114 5.54 -0.61 10.47
C LYS B 114 5.17 -1.20 11.81
N TYR B 115 5.31 -2.50 11.99
CA TYR B 115 5.01 -3.05 13.30
C TYR B 115 6.35 -3.26 14.01
N GLU B 116 7.00 -2.14 14.32
CA GLU B 116 8.29 -2.10 14.99
C GLU B 116 8.29 -0.96 16.05
#